data_5E4V
#
_entry.id   5E4V
#
_cell.length_a   91.140
_cell.length_b   91.140
_cell.length_c   94.210
_cell.angle_alpha   90.000
_cell.angle_beta   90.000
_cell.angle_gamma   120.000
#
_symmetry.space_group_name_H-M   'P 31 2 1'
#
loop_
_entity.id
_entity.type
_entity.pdbx_description
1 polymer Nucleoprotein,Phosphoprotein
2 water water
#
_entity_poly.entity_id   1
_entity_poly.type   'polypeptide(L)'
_entity_poly.pdbx_seq_one_letter_code
;STSGSGGAIRGIKHIIIVPIPGDSSITTRSRLLDRLVRLIGNPDVSGPKLTGALIGILSLFVESPGQLIQRITDDPDVSI
RLLEVVQSDQSQSGLTFASRGTNMEDEADQYFSHDDPISSDQSRFGWFENKEISDIEVQDPEGFNMILGTILAQIWVLLA
KAVTAPDTAADSELRRWIKYTQQRRVVGEFRLERKWLDVVRNRIAEDLSLRRFMVALILDIKRTPGNKPRIAEMICDIDT
YIVEAGLASFILTIKFGIETMYPALGLHEFAGELSTLESLMNLYQQMGETAPYMVILENSIQNKFSAGSYPLLWSYAMGV
GVELENSMGGLNFGRSYFDPAYFRLGQEMVRRSAGKVSSTLASELGITAEDARLVSEIAMHTTEDKISRMAEEQARHVKN
GLECIRALKAEPIGSLAIEEAMAAWSEISDNPGQERA
;
_entity_poly.pdbx_strand_id   A
#
# COMPACT_ATOMS: atom_id res chain seq x y z
N ILE A 12 -18.60 -9.38 -28.74
CA ILE A 12 -18.37 -10.53 -27.88
C ILE A 12 -17.45 -10.15 -26.73
N LYS A 13 -16.15 -10.10 -27.01
CA LYS A 13 -15.15 -9.86 -25.98
C LYS A 13 -14.67 -8.41 -26.04
N HIS A 14 -14.31 -7.84 -24.89
CA HIS A 14 -13.92 -6.44 -24.83
C HIS A 14 -12.41 -6.24 -25.07
N ILE A 15 -12.06 -5.48 -26.10
CA ILE A 15 -10.67 -5.18 -26.38
C ILE A 15 -10.20 -3.85 -25.80
N ILE A 16 -9.05 -3.87 -25.15
CA ILE A 16 -8.40 -2.66 -24.66
C ILE A 16 -7.15 -2.37 -25.48
N ILE A 17 -7.18 -1.27 -26.22
CA ILE A 17 -6.01 -0.84 -26.97
C ILE A 17 -5.01 -0.22 -26.01
N VAL A 18 -3.76 -0.69 -26.07
CA VAL A 18 -2.71 -0.20 -25.20
C VAL A 18 -1.43 0.03 -26.00
N PRO A 19 -1.00 1.30 -26.11
CA PRO A 19 0.19 1.65 -26.89
C PRO A 19 1.52 1.34 -26.18
N ILE A 20 2.47 0.84 -26.93
CA ILE A 20 3.80 0.48 -26.42
C ILE A 20 4.86 1.00 -27.39
N PRO A 21 6.10 1.21 -26.89
CA PRO A 21 7.15 1.69 -27.79
C PRO A 21 7.52 0.66 -28.86
N GLY A 22 7.92 1.15 -30.03
CA GLY A 22 8.23 0.29 -31.15
C GLY A 22 9.72 0.17 -31.42
N ASP A 23 10.53 0.75 -30.54
CA ASP A 23 11.98 0.65 -30.64
C ASP A 23 12.61 0.99 -29.29
N SER A 24 13.85 0.58 -29.10
CA SER A 24 14.51 0.74 -27.81
C SER A 24 14.69 2.21 -27.42
N SER A 25 14.73 3.09 -28.43
CA SER A 25 15.10 4.49 -28.20
C SER A 25 14.31 5.17 -27.09
N ILE A 26 14.97 6.10 -26.41
CA ILE A 26 14.37 6.87 -25.34
C ILE A 26 13.46 7.97 -25.87
N THR A 27 13.79 8.49 -27.05
CA THR A 27 13.00 9.56 -27.64
C THR A 27 11.58 9.09 -27.91
N THR A 28 11.47 7.87 -28.44
CA THR A 28 10.17 7.26 -28.69
C THR A 28 9.44 7.05 -27.36
N ARG A 29 10.00 6.20 -26.53
CA ARG A 29 9.48 5.96 -25.18
C ARG A 29 9.00 7.25 -24.53
N SER A 30 9.84 8.28 -24.63
CA SER A 30 9.61 9.54 -23.94
C SER A 30 8.47 10.32 -24.57
N ARG A 31 8.50 10.43 -25.89
CA ARG A 31 7.47 11.16 -26.60
C ARG A 31 6.12 10.49 -26.38
N LEU A 32 6.13 9.15 -26.39
CA LEU A 32 4.93 8.39 -26.12
C LEU A 32 4.41 8.71 -24.73
N LEU A 33 5.27 8.60 -23.73
CA LEU A 33 4.86 8.98 -22.37
C LEU A 33 4.21 10.35 -22.38
N ASP A 34 4.89 11.33 -22.98
CA ASP A 34 4.36 12.67 -23.09
C ASP A 34 2.94 12.69 -23.67
N ARG A 35 2.79 12.13 -24.87
CA ARG A 35 1.49 12.16 -25.53
C ARG A 35 0.42 11.46 -24.69
N LEU A 36 0.80 10.36 -24.02
CA LEU A 36 -0.15 9.63 -23.17
C LEU A 36 -0.60 10.48 -21.98
N VAL A 37 0.35 11.06 -21.23
CA VAL A 37 -0.01 11.96 -20.15
C VAL A 37 -0.96 13.01 -20.70
N ARG A 38 -0.55 13.58 -21.82
CA ARG A 38 -1.32 14.60 -22.51
C ARG A 38 -2.74 14.11 -22.76
N LEU A 39 -2.84 12.87 -23.24
CA LEU A 39 -4.12 12.26 -23.61
C LEU A 39 -5.03 12.06 -22.41
N ILE A 40 -4.47 11.55 -21.32
CA ILE A 40 -5.25 11.32 -20.11
C ILE A 40 -5.86 12.62 -19.56
N GLY A 41 -5.19 13.74 -19.79
CA GLY A 41 -5.67 15.02 -19.32
C GLY A 41 -6.79 15.58 -20.16
N ASN A 42 -6.98 15.02 -21.34
CA ASN A 42 -8.03 15.46 -22.23
C ASN A 42 -9.40 15.10 -21.66
N PRO A 43 -10.26 16.11 -21.45
CA PRO A 43 -11.54 15.90 -20.76
C PRO A 43 -12.50 15.11 -21.62
N ASP A 44 -12.17 15.00 -22.90
CA ASP A 44 -13.09 14.47 -23.88
C ASP A 44 -12.81 13.02 -24.25
N VAL A 45 -11.93 12.36 -23.49
CA VAL A 45 -11.55 10.99 -23.81
C VAL A 45 -12.40 9.96 -23.07
N SER A 46 -12.63 8.82 -23.72
CA SER A 46 -13.54 7.80 -23.20
C SER A 46 -12.83 6.83 -22.26
N GLY A 47 -13.60 6.21 -21.38
CA GLY A 47 -13.07 5.36 -20.33
C GLY A 47 -12.10 4.29 -20.80
N PRO A 48 -12.61 3.36 -21.62
CA PRO A 48 -11.80 2.24 -22.14
C PRO A 48 -10.46 2.72 -22.69
N LYS A 49 -10.51 3.81 -23.46
CA LYS A 49 -9.30 4.40 -24.03
C LYS A 49 -8.33 4.82 -22.92
N LEU A 50 -8.82 5.65 -22.00
CA LEU A 50 -8.06 6.07 -20.83
C LEU A 50 -7.40 4.89 -20.13
N THR A 51 -8.18 3.84 -19.86
CA THR A 51 -7.62 2.66 -19.21
C THR A 51 -6.46 2.13 -20.04
N GLY A 52 -6.71 1.97 -21.33
CA GLY A 52 -5.66 1.59 -22.26
C GLY A 52 -4.39 2.43 -22.06
N ALA A 53 -4.57 3.74 -22.09
CA ALA A 53 -3.44 4.66 -21.98
C ALA A 53 -2.71 4.48 -20.65
N LEU A 54 -3.47 4.30 -19.58
CA LEU A 54 -2.87 4.10 -18.26
C LEU A 54 -2.07 2.80 -18.19
N ILE A 55 -2.58 1.72 -18.76
CA ILE A 55 -1.81 0.48 -18.77
C ILE A 55 -0.57 0.67 -19.64
N GLY A 56 -0.70 1.47 -20.70
CA GLY A 56 0.46 1.90 -21.45
C GLY A 56 1.51 2.50 -20.53
N ILE A 57 1.14 3.61 -19.89
CA ILE A 57 2.06 4.34 -19.00
C ILE A 57 2.61 3.49 -17.85
N LEU A 58 1.78 2.64 -17.27
CA LEU A 58 2.19 1.80 -16.14
C LEU A 58 3.28 0.81 -16.53
N SER A 59 3.37 0.50 -17.81
CA SER A 59 4.27 -0.55 -18.30
C SER A 59 5.62 0.00 -18.78
N LEU A 60 5.78 1.31 -18.75
CA LEU A 60 6.92 1.95 -19.39
C LEU A 60 8.26 1.81 -18.67
N PHE A 61 8.26 1.19 -17.49
CA PHE A 61 9.49 1.10 -16.69
C PHE A 61 10.30 -0.18 -16.93
N VAL A 62 9.86 -1.03 -17.86
CA VAL A 62 10.64 -2.18 -18.25
C VAL A 62 11.13 -2.00 -19.68
N GLU A 63 12.20 -2.69 -20.04
CA GLU A 63 12.80 -2.54 -21.37
C GLU A 63 11.82 -2.90 -22.48
N SER A 64 10.95 -3.89 -22.22
CA SER A 64 9.89 -4.21 -23.16
C SER A 64 8.51 -4.25 -22.51
N PRO A 65 7.80 -3.12 -22.54
CA PRO A 65 6.42 -2.99 -22.05
C PRO A 65 5.47 -4.05 -22.61
N GLY A 66 5.47 -4.25 -23.92
CA GLY A 66 4.58 -5.18 -24.57
C GLY A 66 4.73 -6.60 -24.04
N GLN A 67 5.97 -7.00 -23.78
CA GLN A 67 6.25 -8.33 -23.25
C GLN A 67 5.58 -8.50 -21.90
N LEU A 68 5.96 -7.64 -20.97
CA LEU A 68 5.39 -7.64 -19.63
C LEU A 68 3.88 -7.71 -19.72
N ILE A 69 3.28 -6.77 -20.44
CA ILE A 69 1.84 -6.76 -20.59
C ILE A 69 1.38 -8.15 -21.02
N GLN A 70 1.85 -8.62 -22.17
CA GLN A 70 1.46 -9.94 -22.66
C GLN A 70 1.50 -11.01 -21.56
N ARG A 71 2.68 -11.23 -20.97
CA ARG A 71 2.81 -12.33 -20.02
C ARG A 71 2.00 -12.16 -18.74
N ILE A 72 1.86 -10.94 -18.24
CA ILE A 72 1.20 -10.77 -16.93
C ILE A 72 -0.31 -10.52 -16.94
N THR A 73 -0.87 -10.00 -18.03
CA THR A 73 -2.31 -9.70 -18.01
C THR A 73 -3.06 -10.98 -17.68
N ASP A 74 -4.01 -10.86 -16.75
CA ASP A 74 -4.78 -11.99 -16.28
C ASP A 74 -6.23 -11.57 -16.09
N ASP A 75 -6.88 -11.19 -17.19
CA ASP A 75 -8.28 -10.82 -17.17
C ASP A 75 -8.98 -11.63 -18.26
N PRO A 76 -9.95 -12.47 -17.86
CA PRO A 76 -10.65 -13.32 -18.82
C PRO A 76 -11.68 -12.60 -19.70
N ASP A 77 -12.17 -11.45 -19.25
CA ASP A 77 -13.26 -10.75 -19.95
C ASP A 77 -12.76 -9.77 -21.02
N VAL A 78 -11.46 -9.46 -21.02
CA VAL A 78 -10.92 -8.53 -22.02
C VAL A 78 -9.67 -9.06 -22.72
N SER A 79 -9.40 -8.48 -23.89
CA SER A 79 -8.28 -8.88 -24.72
C SER A 79 -7.47 -7.63 -25.06
N ILE A 80 -6.16 -7.69 -24.82
CA ILE A 80 -5.30 -6.52 -25.05
C ILE A 80 -4.70 -6.55 -26.44
N ARG A 81 -4.88 -5.44 -27.17
CA ARG A 81 -4.21 -5.26 -28.45
C ARG A 81 -3.09 -4.26 -28.28
N LEU A 82 -1.85 -4.76 -28.21
CA LEU A 82 -0.71 -3.87 -28.12
C LEU A 82 -0.62 -3.06 -29.41
N LEU A 83 -0.02 -1.88 -29.33
CA LEU A 83 0.08 -1.02 -30.51
C LEU A 83 1.48 -0.42 -30.60
N GLU A 84 2.31 -1.02 -31.45
CA GLU A 84 3.68 -0.59 -31.61
C GLU A 84 3.72 0.83 -32.15
N VAL A 85 4.39 1.72 -31.43
CA VAL A 85 4.43 3.14 -31.77
C VAL A 85 5.86 3.55 -32.10
N VAL A 86 6.03 4.39 -33.12
CA VAL A 86 7.35 4.90 -33.45
C VAL A 86 7.28 6.37 -33.89
N GLN A 87 8.44 7.03 -33.88
CA GLN A 87 8.56 8.42 -34.30
C GLN A 87 8.08 8.64 -35.73
N SER A 88 7.86 9.91 -36.06
CA SER A 88 7.29 10.29 -37.35
C SER A 88 7.35 11.80 -37.51
N ASP A 89 8.14 12.26 -38.46
CA ASP A 89 8.29 13.70 -38.68
C ASP A 89 7.13 14.24 -39.51
N GLN A 90 6.20 13.36 -39.87
CA GLN A 90 5.16 13.71 -40.83
C GLN A 90 3.77 13.87 -40.21
N SER A 91 3.55 13.30 -39.04
CA SER A 91 2.24 13.39 -38.40
C SER A 91 2.15 14.60 -37.47
N GLN A 92 0.93 15.00 -37.11
CA GLN A 92 0.73 16.11 -36.20
C GLN A 92 1.34 15.73 -34.85
N SER A 93 1.01 14.51 -34.41
CA SER A 93 1.75 13.86 -33.33
C SER A 93 3.14 13.54 -33.89
N GLY A 94 4.12 13.31 -33.02
CA GLY A 94 5.43 12.90 -33.47
C GLY A 94 5.51 11.38 -33.56
N LEU A 95 4.37 10.77 -33.81
CA LEU A 95 4.25 9.32 -33.67
C LEU A 95 3.33 8.68 -34.71
N THR A 96 3.57 7.41 -34.99
CA THR A 96 2.67 6.62 -35.83
C THR A 96 2.86 5.14 -35.55
N PHE A 97 2.06 4.30 -36.22
CA PHE A 97 2.03 2.88 -35.96
C PHE A 97 2.73 2.06 -37.05
N ALA A 98 2.90 0.78 -36.77
CA ALA A 98 3.34 -0.20 -37.76
C ALA A 98 2.18 -1.15 -38.02
N SER A 99 1.84 -1.41 -39.28
CA SER A 99 2.58 -0.88 -40.43
C SER A 99 1.66 -0.79 -41.63
N THR A 102 -0.23 -0.16 -44.65
CA THR A 102 0.57 0.85 -43.97
C THR A 102 -0.21 2.13 -43.78
N ASN A 103 0.49 3.27 -43.86
CA ASN A 103 -0.16 4.59 -43.84
C ASN A 103 -1.22 4.74 -42.76
N MET A 104 -0.95 4.23 -41.57
CA MET A 104 -1.90 4.31 -40.46
C MET A 104 -1.58 5.50 -39.56
N GLU A 105 -1.28 6.63 -40.19
CA GLU A 105 -0.91 7.85 -39.45
C GLU A 105 -2.14 8.63 -38.99
N ASP A 106 -3.30 8.28 -39.53
CA ASP A 106 -4.56 8.79 -39.02
C ASP A 106 -4.87 8.05 -37.72
N GLU A 107 -4.98 6.73 -37.81
CA GLU A 107 -5.05 5.92 -36.60
C GLU A 107 -4.24 6.66 -35.55
N ALA A 108 -2.98 6.94 -35.89
CA ALA A 108 -2.07 7.67 -35.02
C ALA A 108 -2.67 8.99 -34.55
N ASP A 109 -2.84 9.93 -35.47
CA ASP A 109 -3.31 11.27 -35.12
C ASP A 109 -4.72 11.25 -34.50
N GLN A 110 -5.66 10.61 -35.18
CA GLN A 110 -6.98 10.33 -34.63
C GLN A 110 -6.86 9.91 -33.16
N TYR A 111 -5.99 8.95 -32.91
CA TYR A 111 -5.73 8.44 -31.55
C TYR A 111 -5.43 9.57 -30.53
N PHE A 112 -4.53 10.48 -30.88
CA PHE A 112 -4.21 11.67 -30.07
C PHE A 112 -4.83 12.89 -30.75
N SER A 113 -6.01 13.30 -30.29
CA SER A 113 -6.73 14.41 -30.92
C SER A 113 -6.63 15.68 -30.07
N ASP A 121 -8.21 27.43 -25.06
CA ASP A 121 -8.05 28.00 -23.74
C ASP A 121 -7.48 26.98 -22.77
N GLN A 122 -6.94 25.91 -23.35
CA GLN A 122 -6.33 24.80 -22.60
C GLN A 122 -6.54 24.87 -21.08
N SER A 123 -7.79 24.87 -20.64
CA SER A 123 -8.11 24.92 -19.21
C SER A 123 -8.84 23.66 -18.76
N ARG A 124 -9.70 23.14 -19.62
CA ARG A 124 -10.40 21.89 -19.34
C ARG A 124 -9.39 20.75 -19.22
N PHE A 125 -8.11 21.07 -19.35
CA PHE A 125 -7.06 20.06 -19.48
C PHE A 125 -6.28 19.79 -18.20
N GLY A 126 -6.18 18.50 -17.86
CA GLY A 126 -5.24 18.04 -16.88
C GLY A 126 -3.85 18.14 -17.49
N TRP A 127 -2.91 18.58 -16.66
CA TRP A 127 -1.52 18.70 -17.04
C TRP A 127 -0.76 18.88 -15.74
N PHE A 128 0.41 19.51 -15.79
CA PHE A 128 1.18 19.71 -14.57
C PHE A 128 0.78 21.00 -13.88
N GLU A 129 0.92 21.01 -12.56
CA GLU A 129 0.66 22.21 -11.77
C GLU A 129 1.56 23.34 -12.25
N ASN A 130 2.80 22.98 -12.54
CA ASN A 130 3.78 23.92 -13.05
C ASN A 130 3.52 24.20 -14.53
N LYS A 131 2.97 25.37 -14.81
CA LYS A 131 2.55 25.74 -16.17
C LYS A 131 3.76 26.04 -17.05
N GLU A 132 4.95 25.92 -16.47
CA GLU A 132 6.20 26.22 -17.17
C GLU A 132 6.68 25.00 -17.96
N ILE A 133 6.09 23.84 -17.67
CA ILE A 133 6.37 22.63 -18.43
C ILE A 133 5.62 22.69 -19.74
N SER A 134 6.35 22.49 -20.84
CA SER A 134 5.79 22.58 -22.18
C SER A 134 5.67 21.18 -22.77
N ASP A 135 6.50 20.28 -22.26
CA ASP A 135 6.53 18.91 -22.74
C ASP A 135 7.54 18.16 -21.88
N ILE A 136 7.44 16.85 -21.87
CA ILE A 136 8.30 16.04 -21.02
C ILE A 136 9.04 15.03 -21.88
N GLU A 137 9.24 15.39 -23.13
CA GLU A 137 10.05 14.58 -24.02
C GLU A 137 11.50 14.83 -23.63
N VAL A 138 12.37 13.87 -23.94
CA VAL A 138 13.66 13.78 -23.30
C VAL A 138 14.51 12.74 -24.03
N GLN A 139 15.82 12.95 -24.05
CA GLN A 139 16.69 12.12 -24.87
C GLN A 139 17.64 11.25 -24.05
N ASP A 140 17.66 11.46 -22.74
CA ASP A 140 18.54 10.68 -21.86
C ASP A 140 17.75 9.71 -20.98
N PRO A 141 18.41 8.63 -20.55
CA PRO A 141 17.83 7.63 -19.64
C PRO A 141 17.55 8.17 -18.23
N GLU A 142 18.60 8.63 -17.57
CA GLU A 142 18.49 9.13 -16.20
C GLU A 142 17.35 10.14 -16.09
N GLY A 143 17.19 10.96 -17.13
CA GLY A 143 16.20 12.01 -17.14
C GLY A 143 14.80 11.51 -17.47
N PHE A 144 14.72 10.45 -18.25
CA PHE A 144 13.43 9.83 -18.53
C PHE A 144 12.91 9.20 -17.24
N ASN A 145 13.82 8.58 -16.50
CA ASN A 145 13.46 7.88 -15.26
C ASN A 145 12.96 8.81 -14.14
N MET A 146 13.43 10.05 -14.09
CA MET A 146 12.93 11.00 -13.11
C MET A 146 11.47 11.32 -13.42
N ILE A 147 11.19 11.62 -14.68
CA ILE A 147 9.83 11.94 -15.09
C ILE A 147 8.93 10.73 -14.85
N LEU A 148 9.29 9.59 -15.45
CA LEU A 148 8.50 8.38 -15.32
C LEU A 148 8.29 8.07 -13.85
N GLY A 149 9.37 8.00 -13.09
CA GLY A 149 9.29 7.71 -11.66
C GLY A 149 8.34 8.63 -10.93
N THR A 150 8.51 9.93 -11.14
CA THR A 150 7.67 10.91 -10.47
C THR A 150 6.19 10.71 -10.82
N ILE A 151 5.89 10.47 -12.10
CA ILE A 151 4.50 10.25 -12.51
C ILE A 151 3.91 8.95 -11.92
N LEU A 152 4.63 7.85 -12.14
CA LEU A 152 4.24 6.55 -11.62
C LEU A 152 3.93 6.62 -10.12
N ALA A 153 4.76 7.35 -9.38
CA ALA A 153 4.53 7.54 -7.95
C ALA A 153 3.11 8.06 -7.64
N GLN A 154 2.77 9.21 -8.20
CA GLN A 154 1.47 9.82 -7.98
C GLN A 154 0.39 8.80 -8.31
N ILE A 155 0.56 8.20 -9.48
CA ILE A 155 -0.40 7.18 -9.90
C ILE A 155 -0.63 6.10 -8.82
N TRP A 156 0.43 5.40 -8.42
CA TRP A 156 0.26 4.31 -7.45
C TRP A 156 -0.31 4.81 -6.10
N VAL A 157 0.08 6.02 -5.73
CA VAL A 157 -0.46 6.62 -4.51
C VAL A 157 -1.98 6.72 -4.58
N LEU A 158 -2.52 7.16 -5.72
CA LEU A 158 -3.97 7.17 -5.88
C LEU A 158 -4.62 5.83 -5.45
N LEU A 159 -4.13 4.73 -6.04
CA LEU A 159 -4.58 3.39 -5.66
C LEU A 159 -4.56 3.26 -4.14
N ALA A 160 -3.40 3.50 -3.55
CA ALA A 160 -3.30 3.40 -2.10
C ALA A 160 -4.45 4.17 -1.45
N LYS A 161 -4.69 5.40 -1.89
CA LYS A 161 -5.78 6.21 -1.36
C LYS A 161 -7.08 5.43 -1.39
N ALA A 162 -7.44 4.94 -2.58
CA ALA A 162 -8.67 4.17 -2.71
C ALA A 162 -8.73 3.04 -1.68
N VAL A 163 -7.64 2.30 -1.54
CA VAL A 163 -7.65 1.14 -0.65
C VAL A 163 -7.68 1.49 0.85
N THR A 164 -7.04 2.58 1.26
CA THR A 164 -7.07 2.97 2.68
C THR A 164 -8.38 3.64 3.10
N ALA A 165 -9.32 3.75 2.18
CA ALA A 165 -10.70 3.85 2.56
C ALA A 165 -10.96 5.09 3.45
N PRO A 166 -11.46 4.92 4.70
CA PRO A 166 -11.69 6.17 5.45
C PRO A 166 -10.40 6.92 5.73
N ASP A 167 -9.42 6.20 6.25
CA ASP A 167 -8.19 6.81 6.73
C ASP A 167 -7.62 7.83 5.77
N THR A 168 -7.22 8.98 6.32
CA THR A 168 -6.67 10.08 5.55
C THR A 168 -5.19 10.22 5.82
N ALA A 169 -4.64 9.22 6.50
CA ALA A 169 -3.31 9.32 7.09
C ALA A 169 -2.18 9.01 6.09
N ALA A 170 -2.46 9.07 4.79
CA ALA A 170 -1.65 8.34 3.79
C ALA A 170 -1.44 9.18 2.53
N ASP A 171 -2.47 9.89 2.10
CA ASP A 171 -2.27 11.07 1.27
C ASP A 171 -1.17 11.81 2.01
N SER A 172 -1.17 11.64 3.33
CA SER A 172 -0.10 12.11 4.20
C SER A 172 1.09 11.14 4.29
N GLU A 173 0.93 10.10 5.10
CA GLU A 173 2.03 9.19 5.43
C GLU A 173 2.88 8.88 4.21
N LEU A 174 2.22 8.57 3.09
CA LEU A 174 2.89 7.91 1.99
C LEU A 174 3.58 8.91 1.06
N ARG A 175 2.93 10.04 0.85
CA ARG A 175 3.56 11.13 0.14
C ARG A 175 4.78 11.57 0.92
N ARG A 176 4.62 11.68 2.24
CA ARG A 176 5.75 12.01 3.11
C ARG A 176 6.90 11.02 2.92
N TRP A 177 6.57 9.75 3.10
CA TRP A 177 7.53 8.66 2.91
C TRP A 177 8.26 8.81 1.58
N ILE A 178 7.52 8.78 0.48
CA ILE A 178 8.12 8.90 -0.85
C ILE A 178 8.98 10.15 -0.94
N LYS A 179 8.49 11.24 -0.35
CA LYS A 179 9.25 12.48 -0.33
C LYS A 179 10.62 12.25 0.26
N TYR A 180 10.67 11.72 1.48
CA TYR A 180 11.95 11.60 2.19
C TYR A 180 12.85 10.44 1.77
N THR A 181 12.29 9.35 1.22
CA THR A 181 13.14 8.24 0.77
C THR A 181 13.52 8.32 -0.71
N GLN A 182 12.72 9.01 -1.50
CA GLN A 182 12.99 9.15 -2.92
C GLN A 182 13.27 10.62 -3.24
N GLN A 183 14.56 10.93 -3.33
CA GLN A 183 15.03 12.29 -3.55
C GLN A 183 16.53 12.18 -3.73
N ARG A 184 17.05 12.63 -4.87
CA ARG A 184 16.29 13.41 -5.85
C ARG A 184 15.66 12.57 -6.96
N ARG A 185 14.83 11.60 -6.58
CA ARG A 185 14.18 10.73 -7.57
C ARG A 185 12.73 11.15 -7.84
N VAL A 186 12.02 11.58 -6.81
CA VAL A 186 10.66 12.11 -6.98
C VAL A 186 10.70 13.62 -6.84
N VAL A 187 10.34 14.31 -7.93
CA VAL A 187 10.57 15.74 -8.06
C VAL A 187 9.27 16.52 -8.17
N GLY A 188 9.26 17.72 -7.57
CA GLY A 188 8.06 18.53 -7.49
C GLY A 188 7.65 19.18 -8.80
N GLU A 189 8.62 19.41 -9.69
CA GLU A 189 8.33 20.00 -10.99
C GLU A 189 7.27 19.20 -11.72
N PHE A 190 7.17 17.92 -11.38
CA PHE A 190 6.33 17.01 -12.14
C PHE A 190 5.13 16.55 -11.33
N ARG A 191 4.64 17.43 -10.46
CA ARG A 191 3.38 17.22 -9.78
C ARG A 191 2.25 17.64 -10.71
N LEU A 192 1.28 16.75 -10.94
CA LEU A 192 0.15 17.07 -11.82
C LEU A 192 -1.03 17.63 -11.02
N GLU A 193 -1.95 18.29 -11.72
CA GLU A 193 -3.09 18.91 -11.07
C GLU A 193 -3.98 17.86 -10.43
N ARG A 194 -4.83 18.29 -9.50
CA ARG A 194 -5.85 17.41 -8.95
C ARG A 194 -6.74 16.97 -10.10
N LYS A 195 -6.97 17.90 -11.02
CA LYS A 195 -7.87 17.67 -12.15
C LYS A 195 -7.41 16.47 -12.98
N TRP A 196 -6.11 16.40 -13.23
CA TRP A 196 -5.53 15.27 -13.96
C TRP A 196 -5.65 13.98 -13.15
N LEU A 197 -5.16 14.04 -11.91
CA LEU A 197 -5.19 12.92 -10.99
C LEU A 197 -6.58 12.32 -10.81
N ASP A 198 -7.60 13.17 -10.82
CA ASP A 198 -8.97 12.72 -10.57
C ASP A 198 -9.48 11.79 -11.67
N VAL A 199 -9.04 12.02 -12.90
CA VAL A 199 -9.37 11.15 -14.02
C VAL A 199 -8.92 9.73 -13.68
N VAL A 200 -7.72 9.65 -13.12
CA VAL A 200 -7.09 8.38 -12.82
C VAL A 200 -7.78 7.73 -11.60
N ARG A 201 -7.98 8.55 -10.56
CA ARG A 201 -8.80 8.15 -9.42
C ARG A 201 -10.08 7.49 -9.93
N ASN A 202 -10.72 8.16 -10.88
CA ASN A 202 -11.99 7.71 -11.43
C ASN A 202 -11.86 6.39 -12.20
N ARG A 203 -10.92 6.31 -13.13
CA ARG A 203 -10.74 5.05 -13.85
C ARG A 203 -10.49 3.90 -12.88
N ILE A 204 -9.70 4.15 -11.85
CA ILE A 204 -9.47 3.11 -10.85
C ILE A 204 -10.76 2.73 -10.15
N ALA A 205 -11.54 3.73 -9.76
CA ALA A 205 -12.87 3.47 -9.20
C ALA A 205 -13.74 2.61 -10.13
N GLU A 206 -13.76 2.95 -11.42
CA GLU A 206 -14.76 2.41 -12.33
C GLU A 206 -14.38 1.18 -13.17
N ASP A 207 -13.12 0.75 -13.10
CA ASP A 207 -12.68 -0.31 -14.02
C ASP A 207 -11.94 -1.46 -13.35
N LEU A 208 -12.57 -2.64 -13.39
CA LEU A 208 -12.01 -3.84 -12.80
C LEU A 208 -10.74 -4.25 -13.55
N SER A 209 -10.74 -4.08 -14.86
CA SER A 209 -9.56 -4.35 -15.69
C SER A 209 -8.30 -3.65 -15.17
N LEU A 210 -8.36 -2.32 -15.12
CA LEU A 210 -7.23 -1.53 -14.67
C LEU A 210 -6.72 -2.05 -13.32
N ARG A 211 -7.64 -2.31 -12.41
CA ARG A 211 -7.30 -2.80 -11.08
C ARG A 211 -6.62 -4.18 -11.16
N ARG A 212 -7.15 -5.06 -12.02
CA ARG A 212 -6.53 -6.36 -12.23
C ARG A 212 -5.10 -6.18 -12.70
N PHE A 213 -4.90 -5.29 -13.67
CA PHE A 213 -3.57 -5.07 -14.22
C PHE A 213 -2.62 -4.56 -13.16
N MET A 214 -3.10 -3.63 -12.33
CA MET A 214 -2.27 -3.09 -11.26
C MET A 214 -1.87 -4.18 -10.26
N VAL A 215 -2.83 -5.01 -9.85
CA VAL A 215 -2.50 -6.15 -8.99
C VAL A 215 -1.46 -7.08 -9.65
N ALA A 216 -1.67 -7.37 -10.93
CA ALA A 216 -0.71 -8.18 -11.68
C ALA A 216 0.68 -7.57 -11.58
N LEU A 217 0.78 -6.27 -11.84
CA LEU A 217 2.04 -5.55 -11.70
C LEU A 217 2.64 -5.78 -10.33
N ILE A 218 1.86 -5.50 -9.30
CA ILE A 218 2.29 -5.76 -7.93
C ILE A 218 2.96 -7.14 -7.83
N LEU A 219 2.22 -8.17 -8.24
CA LEU A 219 2.75 -9.53 -8.24
C LEU A 219 4.07 -9.64 -9.00
N ASP A 220 4.11 -9.09 -10.21
CA ASP A 220 5.28 -9.20 -11.05
C ASP A 220 6.49 -8.61 -10.35
N ILE A 221 6.32 -7.40 -9.84
CA ILE A 221 7.39 -6.67 -9.17
C ILE A 221 7.87 -7.48 -7.98
N LYS A 222 6.92 -8.07 -7.25
CA LYS A 222 7.25 -8.94 -6.13
C LYS A 222 8.11 -10.13 -6.54
N ARG A 223 7.77 -10.75 -7.67
CA ARG A 223 8.34 -12.05 -8.04
C ARG A 223 9.64 -11.91 -8.81
N THR A 224 10.20 -10.71 -8.77
CA THR A 224 11.35 -10.38 -9.62
C THR A 224 12.63 -10.81 -8.95
N PRO A 225 13.51 -11.50 -9.70
CA PRO A 225 14.85 -11.75 -9.15
C PRO A 225 15.77 -10.55 -9.39
N GLY A 226 16.47 -10.13 -8.34
CA GLY A 226 17.29 -8.94 -8.40
C GLY A 226 17.50 -8.39 -7.00
N ASN A 227 18.02 -7.17 -6.87
CA ASN A 227 18.37 -6.30 -7.99
C ASN A 227 17.15 -5.58 -8.56
N LYS A 228 16.43 -4.87 -7.69
CA LYS A 228 15.31 -4.03 -8.12
C LYS A 228 15.80 -2.63 -8.44
N PRO A 229 15.57 -2.16 -9.68
CA PRO A 229 15.96 -0.79 -10.04
C PRO A 229 15.13 0.22 -9.27
N ARG A 230 15.61 1.44 -9.12
CA ARG A 230 15.00 2.42 -8.24
C ARG A 230 13.46 2.43 -8.32
N ILE A 231 12.94 2.61 -9.53
CA ILE A 231 11.50 2.76 -9.73
C ILE A 231 10.75 1.51 -9.27
N ALA A 232 11.20 0.34 -9.71
CA ALA A 232 10.64 -0.92 -9.24
C ALA A 232 10.62 -0.94 -7.71
N GLU A 233 11.77 -0.66 -7.10
CA GLU A 233 11.89 -0.65 -5.65
C GLU A 233 10.82 0.23 -4.99
N MET A 234 10.72 1.48 -5.43
CA MET A 234 9.77 2.38 -4.80
C MET A 234 8.31 1.91 -4.99
N ILE A 235 7.98 1.50 -6.21
CA ILE A 235 6.63 0.98 -6.45
C ILE A 235 6.40 -0.19 -5.49
N CYS A 236 7.40 -1.06 -5.36
CA CYS A 236 7.33 -2.17 -4.42
C CYS A 236 6.96 -1.65 -3.03
N ASP A 237 7.68 -0.63 -2.57
CA ASP A 237 7.37 0.00 -1.28
C ASP A 237 5.89 0.37 -1.18
N ILE A 238 5.42 1.21 -2.10
CA ILE A 238 4.02 1.63 -2.07
C ILE A 238 3.14 0.39 -1.93
N ASP A 239 3.41 -0.60 -2.78
CA ASP A 239 2.70 -1.88 -2.75
C ASP A 239 2.61 -2.46 -1.34
N THR A 240 3.76 -2.63 -0.69
CA THR A 240 3.77 -3.19 0.66
C THR A 240 2.84 -2.38 1.57
N TYR A 241 2.96 -1.05 1.51
CA TYR A 241 2.10 -0.20 2.34
C TYR A 241 0.64 -0.58 2.12
N ILE A 242 0.23 -0.53 0.85
CA ILE A 242 -1.15 -0.85 0.47
C ILE A 242 -1.57 -2.20 1.04
N VAL A 243 -0.76 -3.22 0.82
CA VAL A 243 -1.13 -4.56 1.28
C VAL A 243 -1.34 -4.62 2.78
N GLU A 244 -0.41 -4.09 3.57
CA GLU A 244 -0.62 -4.17 5.02
C GLU A 244 -1.83 -3.33 5.47
N ALA A 245 -2.04 -2.18 4.84
CA ALA A 245 -3.17 -1.34 5.20
C ALA A 245 -4.52 -1.97 4.81
N GLY A 246 -4.52 -2.68 3.69
CA GLY A 246 -5.75 -3.29 3.19
C GLY A 246 -6.62 -3.97 4.23
N LEU A 247 -6.03 -4.86 5.03
CA LEU A 247 -6.79 -5.69 5.95
C LEU A 247 -6.40 -5.46 7.41
N ALA A 248 -5.72 -4.36 7.66
CA ALA A 248 -5.32 -3.99 9.02
C ALA A 248 -6.41 -4.23 10.06
N SER A 249 -7.49 -3.44 9.98
CA SER A 249 -8.57 -3.54 10.96
C SER A 249 -8.91 -5.00 11.25
N PHE A 250 -9.12 -5.76 10.18
CA PHE A 250 -9.47 -7.17 10.23
C PHE A 250 -8.51 -7.99 11.11
N ILE A 251 -7.23 -7.94 10.77
CA ILE A 251 -6.22 -8.72 11.47
C ILE A 251 -6.11 -8.24 12.91
N LEU A 252 -6.19 -6.93 13.08
CA LEU A 252 -6.19 -6.29 14.39
C LEU A 252 -7.25 -6.95 15.25
N THR A 253 -8.47 -6.95 14.72
CA THR A 253 -9.62 -7.49 15.43
C THR A 253 -9.45 -8.98 15.73
N ILE A 254 -9.00 -9.76 14.75
CA ILE A 254 -8.77 -11.18 15.01
C ILE A 254 -7.70 -11.38 16.09
N LYS A 255 -6.62 -10.63 15.95
CA LYS A 255 -5.48 -10.79 16.84
C LYS A 255 -5.80 -10.43 18.28
N PHE A 256 -6.45 -9.28 18.48
CA PHE A 256 -6.69 -8.82 19.85
C PHE A 256 -8.10 -9.10 20.35
N GLY A 257 -9.01 -9.41 19.43
CA GLY A 257 -10.40 -9.61 19.79
C GLY A 257 -10.73 -11.06 20.04
N ILE A 258 -10.29 -11.94 19.14
CA ILE A 258 -10.64 -13.36 19.22
C ILE A 258 -9.52 -14.14 19.86
N GLU A 259 -8.32 -13.98 19.33
CA GLU A 259 -7.21 -14.84 19.69
C GLU A 259 -6.84 -14.73 21.16
N THR A 260 -7.11 -13.58 21.78
CA THR A 260 -6.84 -13.41 23.20
C THR A 260 -7.73 -14.34 24.03
N MET A 261 -8.93 -14.60 23.52
CA MET A 261 -9.82 -15.60 24.12
C MET A 261 -10.26 -15.18 25.51
N TYR A 262 -10.63 -13.91 25.66
CA TYR A 262 -11.12 -13.42 26.94
C TYR A 262 -12.62 -13.70 27.07
N PRO A 263 -13.08 -13.98 28.30
CA PRO A 263 -14.49 -14.31 28.60
C PRO A 263 -15.52 -13.41 27.94
N ALA A 264 -15.17 -12.15 27.67
CA ALA A 264 -16.10 -11.19 27.08
C ALA A 264 -16.60 -11.65 25.72
N LEU A 265 -15.89 -12.58 25.10
CA LEU A 265 -16.30 -13.13 23.82
C LEU A 265 -17.63 -13.87 23.94
N GLY A 266 -18.02 -14.21 25.17
CA GLY A 266 -19.24 -14.96 25.39
C GLY A 266 -20.48 -14.09 25.42
N LEU A 267 -20.29 -12.78 25.46
CA LEU A 267 -21.40 -11.83 25.52
C LEU A 267 -22.32 -11.93 24.31
N HIS A 268 -23.62 -11.89 24.57
CA HIS A 268 -24.63 -12.03 23.53
C HIS A 268 -24.40 -11.09 22.36
N GLU A 269 -23.87 -9.91 22.63
CA GLU A 269 -23.81 -8.83 21.63
C GLU A 269 -22.64 -8.95 20.65
N PHE A 270 -21.73 -9.89 20.89
CA PHE A 270 -20.69 -10.20 19.91
C PHE A 270 -21.15 -11.35 19.03
N ALA A 271 -22.21 -12.03 19.44
CA ALA A 271 -22.66 -13.26 18.79
C ALA A 271 -22.76 -13.12 17.27
N GLY A 272 -23.35 -12.01 16.80
CA GLY A 272 -23.62 -11.82 15.39
C GLY A 272 -22.37 -11.48 14.58
N GLU A 273 -21.51 -10.68 15.20
CA GLU A 273 -20.23 -10.29 14.61
C GLU A 273 -19.26 -11.46 14.43
N LEU A 274 -19.01 -12.19 15.50
CA LEU A 274 -18.11 -13.33 15.48
C LEU A 274 -18.36 -14.21 14.26
N SER A 275 -19.62 -14.30 13.87
CA SER A 275 -20.06 -15.17 12.78
C SER A 275 -19.81 -14.48 11.44
N THR A 276 -20.02 -13.17 11.39
CA THR A 276 -19.60 -12.39 10.23
C THR A 276 -18.12 -12.62 10.01
N LEU A 277 -17.33 -12.36 11.06
CA LEU A 277 -15.90 -12.59 11.03
C LEU A 277 -15.57 -14.02 10.61
N GLU A 278 -16.30 -15.00 11.14
CA GLU A 278 -16.08 -16.37 10.69
C GLU A 278 -16.26 -16.48 9.18
N SER A 279 -17.34 -15.89 8.68
CA SER A 279 -17.57 -15.83 7.24
C SER A 279 -16.40 -15.16 6.54
N LEU A 280 -15.95 -14.03 7.09
CA LEU A 280 -14.88 -13.25 6.47
C LEU A 280 -13.58 -14.04 6.44
N MET A 281 -13.32 -14.80 7.50
CA MET A 281 -12.09 -15.59 7.57
C MET A 281 -12.15 -16.75 6.58
N ASN A 282 -13.31 -17.41 6.52
CA ASN A 282 -13.49 -18.48 5.55
C ASN A 282 -13.36 -17.98 4.12
N LEU A 283 -14.02 -16.87 3.82
CA LEU A 283 -13.87 -16.24 2.52
C LEU A 283 -12.40 -15.96 2.27
N TYR A 284 -11.76 -15.26 3.21
CA TYR A 284 -10.35 -14.92 3.09
C TYR A 284 -9.54 -16.13 2.68
N GLN A 285 -9.72 -17.22 3.43
CA GLN A 285 -8.98 -18.44 3.17
C GLN A 285 -9.28 -18.99 1.78
N GLN A 286 -10.56 -19.04 1.42
CA GLN A 286 -10.97 -19.55 0.12
C GLN A 286 -10.34 -18.79 -1.05
N MET A 287 -9.82 -17.60 -0.79
CA MET A 287 -9.26 -16.77 -1.85
C MET A 287 -7.79 -17.06 -2.16
N GLY A 288 -7.21 -18.02 -1.43
CA GLY A 288 -5.86 -18.49 -1.70
C GLY A 288 -4.79 -17.40 -1.67
N GLU A 289 -3.84 -17.51 -2.58
CA GLU A 289 -2.70 -16.58 -2.64
C GLU A 289 -3.11 -15.19 -3.12
N THR A 290 -4.39 -15.01 -3.41
CA THR A 290 -4.91 -13.73 -3.86
C THR A 290 -5.49 -12.96 -2.68
N ALA A 291 -5.79 -13.69 -1.62
CA ALA A 291 -6.51 -13.17 -0.44
C ALA A 291 -6.11 -11.75 -0.01
N PRO A 292 -4.81 -11.42 0.01
CA PRO A 292 -4.58 -10.05 0.46
C PRO A 292 -5.09 -8.97 -0.51
N TYR A 293 -4.79 -9.12 -1.79
CA TYR A 293 -5.07 -8.07 -2.78
C TYR A 293 -6.54 -7.89 -3.11
N MET A 294 -7.38 -8.84 -2.70
CA MET A 294 -8.80 -8.79 -3.06
C MET A 294 -9.49 -7.48 -2.66
N VAL A 295 -9.03 -6.82 -1.60
CA VAL A 295 -9.66 -5.57 -1.17
C VAL A 295 -9.31 -4.43 -2.13
N ILE A 296 -8.29 -4.66 -2.95
CA ILE A 296 -7.90 -3.73 -4.00
C ILE A 296 -8.81 -3.90 -5.22
N LEU A 297 -9.20 -5.15 -5.47
CA LEU A 297 -9.87 -5.52 -6.71
C LEU A 297 -11.32 -5.08 -6.79
N GLU A 298 -12.04 -5.22 -5.70
CA GLU A 298 -13.42 -4.77 -5.66
C GLU A 298 -13.60 -4.00 -4.36
N ASN A 299 -14.18 -2.81 -4.47
CA ASN A 299 -14.38 -1.97 -3.30
C ASN A 299 -15.34 -2.60 -2.31
N SER A 300 -16.36 -3.29 -2.80
CA SER A 300 -17.34 -3.93 -1.94
C SER A 300 -16.64 -4.90 -1.00
N ILE A 301 -15.64 -5.61 -1.52
CA ILE A 301 -14.84 -6.51 -0.69
C ILE A 301 -14.15 -5.71 0.40
N GLN A 302 -13.53 -4.60 0.02
CA GLN A 302 -12.84 -3.75 0.98
C GLN A 302 -13.81 -3.21 2.02
N ASN A 303 -15.02 -2.88 1.60
CA ASN A 303 -16.03 -2.35 2.51
C ASN A 303 -16.51 -3.44 3.44
N LYS A 304 -16.67 -4.65 2.91
CA LYS A 304 -17.16 -5.75 3.72
C LYS A 304 -16.13 -6.22 4.75
N PHE A 305 -14.85 -6.10 4.40
CA PHE A 305 -13.80 -6.52 5.32
C PHE A 305 -13.42 -5.39 6.25
N SER A 306 -14.08 -4.25 6.10
CA SER A 306 -13.75 -3.07 6.87
C SER A 306 -14.27 -3.22 8.29
N ALA A 307 -13.82 -2.33 9.18
CA ALA A 307 -14.22 -2.38 10.58
C ALA A 307 -15.73 -2.27 10.74
N GLY A 308 -16.37 -1.58 9.81
CA GLY A 308 -17.79 -1.34 9.86
C GLY A 308 -18.66 -2.59 9.95
N SER A 309 -18.08 -3.74 9.62
CA SER A 309 -18.85 -4.97 9.57
C SER A 309 -18.85 -5.72 10.91
N TYR A 310 -18.12 -5.16 11.87
CA TYR A 310 -17.99 -5.77 13.20
C TYR A 310 -17.44 -4.71 14.15
N PRO A 311 -18.08 -3.53 14.18
CA PRO A 311 -17.57 -2.34 14.88
C PRO A 311 -17.24 -2.55 16.36
N LEU A 312 -18.13 -3.24 17.07
CA LEU A 312 -17.95 -3.43 18.51
C LEU A 312 -16.70 -4.24 18.80
N LEU A 313 -16.65 -5.44 18.24
CA LEU A 313 -15.55 -6.35 18.44
C LEU A 313 -14.25 -5.65 18.11
N TRP A 314 -14.32 -4.78 17.11
CA TRP A 314 -13.17 -4.00 16.69
C TRP A 314 -12.78 -2.99 17.78
N SER A 315 -13.75 -2.24 18.29
CA SER A 315 -13.50 -1.31 19.39
C SER A 315 -12.89 -2.02 20.61
N TYR A 316 -13.55 -3.08 21.02
CA TYR A 316 -13.01 -4.01 22.00
C TYR A 316 -11.55 -4.32 21.69
N ALA A 317 -11.30 -4.91 20.52
CA ALA A 317 -9.96 -5.31 20.13
C ALA A 317 -8.98 -4.13 20.18
N MET A 318 -9.46 -2.94 19.86
CA MET A 318 -8.64 -1.74 19.97
C MET A 318 -8.19 -1.57 21.41
N GLY A 319 -9.18 -1.56 22.31
CA GLY A 319 -8.90 -1.49 23.73
C GLY A 319 -7.91 -2.56 24.16
N VAL A 320 -8.28 -3.81 23.95
CA VAL A 320 -7.40 -4.93 24.28
C VAL A 320 -5.99 -4.67 23.76
N GLY A 321 -5.91 -4.25 22.50
CA GLY A 321 -4.64 -4.00 21.85
C GLY A 321 -3.79 -2.98 22.58
N VAL A 322 -4.33 -1.78 22.79
CA VAL A 322 -3.53 -0.73 23.41
C VAL A 322 -3.22 -1.07 24.86
N GLU A 323 -4.18 -1.70 25.54
CA GLU A 323 -3.90 -2.21 26.87
C GLU A 323 -2.72 -3.16 26.84
N LEU A 324 -2.76 -4.10 25.90
CA LEU A 324 -1.78 -5.17 25.87
C LEU A 324 -0.38 -4.67 25.48
N GLU A 325 -0.31 -3.80 24.48
CA GLU A 325 0.98 -3.37 23.97
C GLU A 325 1.48 -2.06 24.56
N ASN A 326 0.65 -1.39 25.35
CA ASN A 326 1.02 -0.08 25.89
C ASN A 326 1.39 0.85 24.75
N SER A 327 0.50 0.93 23.76
CA SER A 327 0.74 1.68 22.53
C SER A 327 -0.51 1.47 21.67
N MET A 328 -1.22 2.54 21.27
CA MET A 328 -0.88 3.95 21.45
C MET A 328 0.05 4.44 20.34
N GLY A 329 0.00 5.74 20.06
CA GLY A 329 0.84 6.33 19.03
C GLY A 329 0.78 5.58 17.71
N GLY A 330 -0.08 6.04 16.82
CA GLY A 330 -0.24 5.40 15.52
C GLY A 330 -1.61 4.79 15.35
N LEU A 331 -2.26 4.48 16.46
CA LEU A 331 -3.64 3.98 16.43
C LEU A 331 -4.52 5.05 15.80
N ASN A 332 -5.72 4.65 15.38
CA ASN A 332 -6.65 5.60 14.77
C ASN A 332 -8.08 5.08 14.81
N PHE A 333 -8.74 5.26 15.94
CA PHE A 333 -10.14 4.88 16.06
C PHE A 333 -11.04 6.11 15.87
N GLY A 334 -10.55 7.08 15.11
CA GLY A 334 -11.35 8.22 14.73
C GLY A 334 -12.39 7.79 13.70
N ARG A 335 -13.44 7.13 14.18
CA ARG A 335 -14.49 6.64 13.31
C ARG A 335 -15.85 6.63 13.98
N SER A 336 -16.88 6.55 13.16
CA SER A 336 -18.25 6.84 13.56
C SER A 336 -18.83 5.70 14.40
N TYR A 337 -18.45 4.48 14.06
CA TYR A 337 -18.98 3.27 14.72
C TYR A 337 -18.05 2.79 15.83
N PHE A 338 -17.05 3.61 16.17
CA PHE A 338 -16.18 3.29 17.30
C PHE A 338 -16.93 3.50 18.62
N ASP A 339 -17.10 2.41 19.36
CA ASP A 339 -17.76 2.46 20.67
C ASP A 339 -16.71 2.37 21.77
N PRO A 340 -16.51 3.47 22.52
CA PRO A 340 -15.43 3.54 23.52
C PRO A 340 -15.63 2.63 24.75
N ALA A 341 -16.88 2.31 25.06
CA ALA A 341 -17.16 1.41 26.18
C ALA A 341 -16.59 0.03 25.88
N TYR A 342 -16.67 -0.38 24.63
CA TYR A 342 -16.11 -1.66 24.22
C TYR A 342 -14.58 -1.62 24.28
N PHE A 343 -14.03 -0.45 24.00
CA PHE A 343 -12.61 -0.20 24.18
C PHE A 343 -12.24 -0.47 25.66
N ARG A 344 -12.97 0.18 26.55
CA ARG A 344 -12.76 0.00 27.99
C ARG A 344 -12.95 -1.46 28.40
N LEU A 345 -13.96 -2.12 27.84
CA LEU A 345 -14.20 -3.54 28.12
C LEU A 345 -12.98 -4.37 27.76
N GLY A 346 -12.49 -4.17 26.54
CA GLY A 346 -11.27 -4.84 26.10
C GLY A 346 -10.13 -4.66 27.08
N GLN A 347 -9.87 -3.39 27.40
CA GLN A 347 -8.83 -3.07 28.37
C GLN A 347 -8.99 -3.90 29.65
N GLU A 348 -10.17 -3.78 30.25
CA GLU A 348 -10.46 -4.47 31.52
C GLU A 348 -10.22 -5.97 31.41
N MET A 349 -10.67 -6.57 30.30
CA MET A 349 -10.40 -8.00 30.05
C MET A 349 -8.91 -8.26 30.14
N VAL A 350 -8.12 -7.42 29.48
CA VAL A 350 -6.67 -7.57 29.54
C VAL A 350 -6.19 -7.57 31.01
N ARG A 351 -6.61 -6.56 31.77
CA ARG A 351 -6.23 -6.48 33.19
C ARG A 351 -6.58 -7.78 33.94
N ARG A 352 -7.84 -8.20 33.82
CA ARG A 352 -8.32 -9.37 34.55
C ARG A 352 -7.55 -10.60 34.11
N SER A 353 -7.16 -10.65 32.84
CA SER A 353 -6.34 -11.75 32.35
C SER A 353 -5.00 -11.76 33.07
N ALA A 354 -4.39 -10.57 33.21
CA ALA A 354 -3.16 -10.46 34.01
C ALA A 354 -3.37 -11.03 35.41
N GLY A 355 -4.39 -10.49 36.08
CA GLY A 355 -4.77 -10.98 37.39
C GLY A 355 -4.75 -12.50 37.43
N LYS A 356 -5.47 -13.10 36.49
CA LYS A 356 -5.57 -14.54 36.40
C LYS A 356 -4.20 -15.20 36.26
N VAL A 357 -3.43 -14.76 35.29
CA VAL A 357 -2.08 -15.32 35.08
C VAL A 357 -1.35 -15.38 36.42
N SER A 358 -1.41 -14.26 37.15
CA SER A 358 -0.66 -14.16 38.40
C SER A 358 -1.22 -15.07 39.51
N SER A 359 -2.53 -15.10 39.69
CA SER A 359 -3.08 -16.04 40.68
C SER A 359 -2.67 -17.48 40.35
N THR A 360 -2.72 -17.83 39.07
CA THR A 360 -2.34 -19.16 38.63
C THR A 360 -0.88 -19.46 38.99
N LEU A 361 0.02 -18.60 38.50
CA LEU A 361 1.44 -18.72 38.80
C LEU A 361 1.66 -18.83 40.30
N ALA A 362 0.97 -17.98 41.05
CA ALA A 362 1.07 -17.96 42.49
C ALA A 362 0.72 -19.33 43.07
N SER A 363 -0.43 -19.86 42.70
CA SER A 363 -0.87 -21.13 43.25
C SER A 363 0.09 -22.27 42.91
N GLU A 364 0.64 -22.27 41.69
CA GLU A 364 1.61 -23.31 41.36
C GLU A 364 2.77 -23.35 42.34
N LEU A 365 3.32 -22.19 42.66
CA LEU A 365 4.48 -22.10 43.54
C LEU A 365 4.21 -22.65 44.94
N GLY A 366 2.94 -22.81 45.27
CA GLY A 366 2.56 -23.44 46.52
C GLY A 366 1.90 -22.46 47.47
N ILE A 367 1.18 -21.49 46.90
CA ILE A 367 0.53 -20.48 47.70
C ILE A 367 -0.98 -20.71 47.71
N THR A 368 -1.63 -20.23 48.77
CA THR A 368 -3.06 -20.46 48.98
C THR A 368 -3.89 -19.45 48.20
N ALA A 369 -5.17 -19.73 48.05
CA ALA A 369 -6.08 -18.84 47.33
C ALA A 369 -6.23 -17.51 48.06
N GLU A 370 -6.48 -17.60 49.37
CA GLU A 370 -6.56 -16.43 50.23
C GLU A 370 -5.40 -15.48 49.90
N ASP A 371 -4.20 -16.04 49.86
CA ASP A 371 -3.00 -15.27 49.62
C ASP A 371 -2.84 -14.90 48.14
N ALA A 372 -3.48 -15.64 47.25
CA ALA A 372 -3.35 -15.41 45.80
C ALA A 372 -4.30 -14.31 45.31
N ARG A 373 -5.41 -14.14 46.02
CA ARG A 373 -6.36 -13.07 45.75
C ARG A 373 -5.64 -11.72 45.58
N LEU A 374 -4.91 -11.35 46.62
CA LEU A 374 -4.13 -10.13 46.64
C LEU A 374 -3.16 -10.08 45.45
N VAL A 375 -2.53 -11.21 45.16
CA VAL A 375 -1.61 -11.30 44.03
C VAL A 375 -2.34 -10.91 42.75
N SER A 376 -3.55 -11.44 42.57
CA SER A 376 -4.36 -11.09 41.43
C SER A 376 -4.57 -9.58 41.38
N GLU A 377 -5.04 -9.01 42.50
CA GLU A 377 -5.21 -7.55 42.57
C GLU A 377 -3.97 -6.83 42.05
N ILE A 378 -2.85 -7.09 42.71
CA ILE A 378 -1.60 -6.40 42.40
C ILE A 378 -1.21 -6.57 40.93
N ALA A 379 -1.40 -7.76 40.38
CA ALA A 379 -1.13 -7.98 38.97
C ALA A 379 -2.00 -7.06 38.10
N MET A 380 -3.29 -7.06 38.38
CA MET A 380 -4.19 -6.16 37.67
C MET A 380 -3.64 -4.73 37.72
N HIS A 381 -3.29 -4.27 38.92
CA HIS A 381 -2.73 -2.93 39.05
C HIS A 381 -1.44 -2.77 38.21
N THR A 382 -0.59 -3.79 38.23
CA THR A 382 0.62 -3.80 37.42
C THR A 382 0.29 -3.54 35.95
N THR A 383 -0.73 -4.24 35.46
CA THR A 383 -1.17 -4.04 34.07
C THR A 383 -1.66 -2.61 33.88
N GLU A 384 -2.49 -2.15 34.81
CA GLU A 384 -3.13 -0.83 34.71
C GLU A 384 -2.16 0.35 34.58
N ASP A 385 -1.17 0.42 35.47
CA ASP A 385 -0.21 1.53 35.50
C ASP A 385 0.74 1.44 34.30
N LYS A 386 0.39 2.11 33.21
CA LYS A 386 1.14 1.98 31.97
C LYS A 386 2.34 2.92 31.93
N ILE A 387 2.26 4.05 32.63
CA ILE A 387 3.41 4.93 32.79
C ILE A 387 4.59 4.15 33.40
N SER A 388 4.29 3.34 34.40
CA SER A 388 5.31 2.52 35.06
C SER A 388 5.88 1.50 34.08
N ARG A 389 5.00 0.94 33.26
CA ARG A 389 5.42 -0.04 32.27
C ARG A 389 6.38 0.61 31.28
N MET A 390 6.00 1.78 30.78
CA MET A 390 6.86 2.57 29.92
C MET A 390 8.21 2.75 30.60
N ALA A 391 8.17 3.34 31.78
CA ALA A 391 9.36 3.59 32.57
C ALA A 391 10.26 2.34 32.60
N GLU A 392 9.68 1.20 32.95
CA GLU A 392 10.41 -0.05 33.01
C GLU A 392 11.05 -0.39 31.65
N GLU A 393 10.25 -0.29 30.58
CA GLU A 393 10.74 -0.56 29.24
C GLU A 393 11.97 0.31 28.91
N GLN A 394 11.80 1.62 29.06
CA GLN A 394 12.89 2.57 28.81
C GLN A 394 14.14 2.21 29.62
N ALA A 395 13.97 2.13 30.94
CA ALA A 395 15.08 1.77 31.83
C ALA A 395 15.79 0.53 31.32
N ARG A 396 14.98 -0.50 31.07
CA ARG A 396 15.44 -1.78 30.59
C ARG A 396 16.34 -1.60 29.37
N HIS A 397 15.82 -0.91 28.36
CA HIS A 397 16.57 -0.69 27.14
C HIS A 397 17.86 0.09 27.38
N VAL A 398 17.79 1.12 28.21
CA VAL A 398 18.98 1.89 28.53
C VAL A 398 20.06 0.98 29.12
N LYS A 399 19.65 0.14 30.08
CA LYS A 399 20.58 -0.83 30.65
C LYS A 399 21.18 -1.68 29.51
N ASN A 400 20.31 -2.27 28.71
CA ASN A 400 20.75 -3.10 27.59
C ASN A 400 21.78 -2.38 26.71
N GLY A 401 21.48 -1.12 26.37
CA GLY A 401 22.33 -0.37 25.48
C GLY A 401 23.70 -0.11 26.09
N LEU A 402 23.72 0.26 27.37
CA LEU A 402 24.99 0.43 28.05
C LEU A 402 25.76 -0.88 28.01
N GLU A 403 25.05 -1.98 28.26
CA GLU A 403 25.67 -3.30 28.20
C GLU A 403 26.35 -3.50 26.86
N CYS A 404 25.62 -3.26 25.77
CA CYS A 404 26.19 -3.39 24.43
C CYS A 404 27.41 -2.49 24.22
N ILE A 405 27.31 -1.23 24.63
CA ILE A 405 28.44 -0.31 24.52
C ILE A 405 29.66 -0.89 25.22
N ARG A 406 29.47 -1.30 26.47
CA ARG A 406 30.52 -1.92 27.26
C ARG A 406 31.12 -3.09 26.50
N ALA A 407 30.24 -3.96 26.00
CA ALA A 407 30.64 -5.14 25.25
C ALA A 407 31.51 -4.79 24.04
N LEU A 408 31.10 -3.77 23.29
CA LEU A 408 31.85 -3.35 22.11
C LEU A 408 33.20 -2.76 22.48
N LYS A 409 33.23 -2.01 23.60
CA LYS A 409 34.50 -1.54 24.13
C LYS A 409 35.45 -2.73 24.28
N ALA A 410 35.00 -3.74 25.03
CA ALA A 410 35.69 -5.02 25.16
C ALA A 410 36.09 -5.59 23.80
N GLU A 411 35.69 -6.84 23.53
CA GLU A 411 35.92 -7.42 22.22
C GLU A 411 35.34 -6.48 21.19
N PRO A 412 36.21 -5.68 20.53
CA PRO A 412 35.65 -4.73 19.57
C PRO A 412 35.17 -5.49 18.34
N ILE A 413 35.87 -5.40 17.21
CA ILE A 413 35.26 -5.87 15.98
C ILE A 413 36.23 -6.33 14.91
N GLY A 414 35.97 -7.54 14.42
CA GLY A 414 36.66 -8.08 13.28
C GLY A 414 36.68 -7.11 12.14
N SER A 415 37.89 -6.68 11.77
CA SER A 415 38.08 -5.79 10.64
C SER A 415 37.41 -6.37 9.39
N LEU A 416 37.37 -7.69 9.31
CA LEU A 416 36.68 -8.36 8.21
C LEU A 416 35.23 -7.92 8.20
N ALA A 417 34.57 -8.01 9.35
CA ALA A 417 33.20 -7.55 9.50
C ALA A 417 33.08 -6.10 9.03
N ILE A 418 33.91 -5.25 9.60
CA ILE A 418 33.93 -3.84 9.23
C ILE A 418 34.15 -3.68 7.72
N GLU A 419 34.94 -4.58 7.15
CA GLU A 419 35.24 -4.52 5.72
C GLU A 419 34.00 -4.85 4.90
N GLU A 420 33.32 -5.93 5.27
CA GLU A 420 32.08 -6.30 4.60
C GLU A 420 31.05 -5.18 4.75
N ALA A 421 30.96 -4.62 5.95
CA ALA A 421 30.02 -3.54 6.21
C ALA A 421 30.35 -2.31 5.35
N MET A 422 31.63 -1.98 5.27
CA MET A 422 32.06 -0.90 4.39
C MET A 422 31.60 -1.22 2.97
N ALA A 423 31.97 -2.42 2.51
CA ALA A 423 31.55 -2.91 1.21
C ALA A 423 30.03 -2.77 1.05
N ALA A 424 29.31 -2.91 2.15
CA ALA A 424 27.87 -2.65 2.14
C ALA A 424 27.57 -1.17 1.90
N TRP A 425 27.92 -0.34 2.86
CA TRP A 425 27.59 1.09 2.81
C TRP A 425 28.00 1.72 1.48
N SER A 426 29.00 1.13 0.84
CA SER A 426 29.38 1.56 -0.51
C SER A 426 28.15 1.61 -1.43
N GLU A 427 27.58 0.43 -1.73
CA GLU A 427 26.42 0.35 -2.60
C GLU A 427 25.16 0.86 -1.91
#